data_4RLK
#
_entry.id   4RLK
#
_cell.length_a   142.748
_cell.length_b   59.683
_cell.length_c   44.884
_cell.angle_alpha   90.00
_cell.angle_beta   102.96
_cell.angle_gamma   90.00
#
_symmetry.space_group_name_H-M   'C 1 2 1'
#
loop_
_entity.id
_entity.type
_entity.pdbx_description
1 polymer 'Casein kinase II subunit alpha'
2 non-polymer GLYCEROL
3 non-polymer 'ACETATE ION'
4 non-polymer '4-[(E)-(9H-fluoren-9-ylidenehydrazinylidene)methyl]benzoic acid'
5 water water
#
_entity_poly.entity_id   1
_entity_poly.type   'polypeptide(L)'
_entity_poly.pdbx_seq_one_letter_code
;MSKARVYADVNVLRPKEYWDYEALTVQWGEQDDYEVVRKVGRGKYSEVFEGINVNNNEKCIIKILKPVKKKKIKREIKIL
QNLCGGPNIVKLLDIVRDQHSKTPSLIFEYVNNTDFKVLYPTLTDYDIRYYIYELLKALDYCHSQGIMHRDVKPHNVMID
HELRKLRLIDWGLAEFYHPGKEYNVRVASRYFKGPELLVDLQDYDYSLDMWSLGCMFAGMIFRKEPFFYGHDNHDQLVKI
AKVLGTDGLNVYLNKYRIELDPQLEALVGRHSRKPWLKFMNADNQHLVSPEAIDFLDKLLRYDHQERLTALEAMTHPYFQ
QVRAAENSRTRA
;
_entity_poly.pdbx_strand_id   A
#
loop_
_chem_comp.id
_chem_comp.type
_chem_comp.name
_chem_comp.formula
ACT non-polymer 'ACETATE ION' 'C2 H3 O2 -1'
E91 non-polymer '4-[(E)-(9H-fluoren-9-ylidenehydrazinylidene)methyl]benzoic acid' 'C21 H14 N2 O2'
GOL non-polymer GLYCEROL 'C3 H8 O3'
#
# COMPACT_ATOMS: atom_id res chain seq x y z
N SER A 2 15.08 15.67 -2.81
CA SER A 2 14.99 14.21 -3.05
C SER A 2 14.22 13.90 -4.32
N LYS A 3 14.64 12.88 -5.07
CA LYS A 3 13.86 12.34 -6.19
C LYS A 3 13.94 10.81 -6.19
N ALA A 4 12.95 10.21 -6.87
CA ALA A 4 12.90 8.76 -7.08
C ALA A 4 14.15 8.32 -7.84
N ARG A 5 14.69 7.17 -7.50
CA ARG A 5 15.83 6.58 -8.20
C ARG A 5 15.43 5.81 -9.44
N VAL A 6 14.14 5.47 -9.56
CA VAL A 6 13.60 4.80 -10.73
C VAL A 6 12.31 5.49 -11.10
N TYR A 7 11.93 5.38 -12.37
CA TYR A 7 10.64 5.84 -12.89
C TYR A 7 10.42 7.33 -12.61
N ALA A 8 11.50 8.11 -12.49
CA ALA A 8 11.31 9.50 -12.12
C ALA A 8 10.68 10.32 -13.24
N ASP A 9 10.94 9.92 -14.49
CA ASP A 9 10.52 10.70 -15.66
C ASP A 9 9.26 10.17 -16.36
N VAL A 10 8.54 9.26 -15.72
CA VAL A 10 7.37 8.67 -16.36
C VAL A 10 6.34 9.70 -16.74
N ASN A 11 6.01 10.61 -15.82
CA ASN A 11 5.03 11.65 -16.14
C ASN A 11 5.65 12.84 -16.81
N VAL A 12 6.97 12.88 -16.89
CA VAL A 12 7.64 13.90 -17.67
C VAL A 12 7.50 13.56 -19.13
N LEU A 13 7.64 12.29 -19.48
CA LEU A 13 7.60 11.88 -20.88
C LEU A 13 6.22 11.61 -21.44
N ARG A 14 5.26 11.24 -20.59
CA ARG A 14 3.89 11.00 -21.06
C ARG A 14 3.12 12.29 -21.30
N PRO A 15 2.11 12.22 -22.18
CA PRO A 15 1.29 13.39 -22.48
C PRO A 15 0.60 13.91 -21.22
N LYS A 16 0.36 15.20 -21.17
CA LYS A 16 -0.24 15.84 -20.01
C LYS A 16 -1.58 15.18 -19.67
N GLU A 17 -2.29 14.71 -20.69
CA GLU A 17 -3.58 14.04 -20.51
C GLU A 17 -3.46 12.82 -19.62
N TYR A 18 -2.33 12.12 -19.67
CA TYR A 18 -2.14 10.96 -18.80
C TYR A 18 -2.25 11.34 -17.31
N TRP A 19 -1.63 12.45 -16.91
CA TRP A 19 -1.50 12.75 -15.48
C TRP A 19 -2.37 13.94 -15.07
N ASP A 20 -2.94 14.65 -16.03
CA ASP A 20 -3.68 15.85 -15.68
C ASP A 20 -5.11 15.43 -15.36
N TYR A 21 -5.26 14.80 -14.19
CA TYR A 21 -6.56 14.23 -13.84
C TYR A 21 -7.69 15.23 -13.69
N GLU A 22 -7.38 16.48 -13.33
CA GLU A 22 -8.41 17.51 -13.23
C GLU A 22 -9.10 17.77 -14.57
N ALA A 23 -8.42 17.47 -15.67
CA ALA A 23 -9.00 17.68 -17.02
C ALA A 23 -9.96 16.57 -17.43
N LEU A 24 -10.04 15.51 -16.62
CA LEU A 24 -10.90 14.34 -16.89
C LEU A 24 -12.38 14.73 -16.95
N THR A 25 -13.08 14.24 -17.96
CA THR A 25 -14.53 14.38 -18.02
C THR A 25 -15.15 13.02 -17.79
N VAL A 26 -15.84 12.86 -16.67
CA VAL A 26 -16.41 11.56 -16.31
C VAL A 26 -17.60 11.23 -17.20
N GLN A 27 -17.57 10.04 -17.80
CA GLN A 27 -18.67 9.59 -18.63
C GLN A 27 -19.49 8.67 -17.75
N TRP A 28 -20.58 9.21 -17.20
CA TRP A 28 -21.33 8.45 -16.21
C TRP A 28 -22.14 7.34 -16.87
N GLY A 29 -22.14 6.17 -16.22
CA GLY A 29 -22.89 5.03 -16.69
C GLY A 29 -24.30 5.06 -16.16
N GLU A 30 -24.97 3.91 -16.21
CA GLU A 30 -26.36 3.82 -15.76
C GLU A 30 -26.42 3.23 -14.36
N GLN A 31 -26.80 4.03 -13.38
CA GLN A 31 -26.94 3.54 -12.00
C GLN A 31 -27.82 2.29 -11.91
N ASP A 32 -28.86 2.24 -12.72
CA ASP A 32 -29.77 1.12 -12.62
C ASP A 32 -29.19 -0.18 -13.13
N ASP A 33 -27.99 -0.16 -13.72
CA ASP A 33 -27.37 -1.38 -14.21
C ASP A 33 -26.90 -2.24 -13.03
N TYR A 34 -26.77 -1.63 -11.86
CA TYR A 34 -26.10 -2.27 -10.72
C TYR A 34 -26.92 -2.21 -9.45
N GLU A 35 -27.13 -3.35 -8.81
CA GLU A 35 -27.97 -3.39 -7.63
C GLU A 35 -27.15 -3.91 -6.47
N VAL A 36 -27.23 -3.22 -5.34
CA VAL A 36 -26.60 -3.67 -4.12
C VAL A 36 -27.23 -4.94 -3.61
N VAL A 37 -26.40 -5.91 -3.30
CA VAL A 37 -26.84 -7.12 -2.64
C VAL A 37 -26.61 -7.06 -1.13
N ARG A 38 -25.35 -6.86 -0.73
CA ARG A 38 -24.97 -6.84 0.69
C ARG A 38 -23.71 -5.99 0.91
N LYS A 39 -23.65 -5.37 2.08
CA LYS A 39 -22.46 -4.61 2.46
C LYS A 39 -21.35 -5.58 2.86
N VAL A 40 -20.13 -5.28 2.43
CA VAL A 40 -18.99 -6.14 2.76
C VAL A 40 -17.86 -5.38 3.47
N GLY A 41 -17.83 -4.05 3.34
CA GLY A 41 -16.77 -3.34 4.00
C GLY A 41 -17.02 -1.88 4.04
N ARG A 42 -16.08 -1.19 4.68
CA ARG A 42 -16.17 0.26 4.78
C ARG A 42 -14.90 0.83 5.27
N GLY A 43 -14.78 2.13 5.06
CA GLY A 43 -13.69 2.88 5.63
C GLY A 43 -14.11 4.33 5.68
N LYS A 44 -13.14 5.18 5.97
CA LYS A 44 -13.42 6.60 6.13
C LYS A 44 -13.99 7.25 4.87
N TYR A 45 -13.66 6.73 3.69
CA TYR A 45 -13.99 7.41 2.44
C TYR A 45 -15.05 6.71 1.61
N SER A 46 -15.45 5.50 2.00
CA SER A 46 -16.39 4.73 1.15
C SER A 46 -17.02 3.58 1.90
N GLU A 47 -18.09 3.05 1.31
CA GLU A 47 -18.65 1.77 1.75
C GLU A 47 -18.61 0.87 0.55
N VAL A 48 -18.39 -0.41 0.81
N VAL A 48 -18.33 -0.40 0.77
CA VAL A 48 -18.24 -1.37 -0.26
CA VAL A 48 -18.25 -1.33 -0.35
C VAL A 48 -19.34 -2.40 -0.16
C VAL A 48 -19.22 -2.49 -0.21
N PHE A 49 -19.92 -2.75 -1.30
CA PHE A 49 -21.03 -3.72 -1.36
C PHE A 49 -20.76 -4.77 -2.41
N GLU A 50 -21.10 -6.02 -2.12
CA GLU A 50 -21.28 -6.96 -3.24
C GLU A 50 -22.52 -6.53 -4.01
N GLY A 51 -22.46 -6.55 -5.34
CA GLY A 51 -23.58 -6.13 -6.14
C GLY A 51 -23.83 -7.09 -7.28
N ILE A 52 -24.86 -6.80 -8.07
CA ILE A 52 -25.14 -7.57 -9.25
C ILE A 52 -25.31 -6.62 -10.42
N ASN A 53 -24.69 -6.95 -11.55
CA ASN A 53 -24.94 -6.26 -12.79
C ASN A 53 -26.23 -6.87 -13.35
N VAL A 54 -27.32 -6.10 -13.38
CA VAL A 54 -28.61 -6.68 -13.78
C VAL A 54 -28.72 -6.99 -15.26
N ASN A 55 -27.76 -6.56 -16.06
CA ASN A 55 -27.78 -6.92 -17.48
C ASN A 55 -27.34 -8.35 -17.68
N ASN A 56 -26.14 -8.66 -17.22
CA ASN A 56 -25.58 -9.98 -17.47
C ASN A 56 -25.68 -10.86 -16.24
N ASN A 57 -26.26 -10.31 -15.18
CA ASN A 57 -26.46 -11.03 -13.94
C ASN A 57 -25.15 -11.58 -13.36
N GLU A 58 -24.06 -10.84 -13.61
CA GLU A 58 -22.75 -11.15 -13.02
C GLU A 58 -22.53 -10.34 -11.75
N LYS A 59 -21.73 -10.88 -10.83
CA LYS A 59 -21.34 -10.15 -9.63
C LYS A 59 -20.42 -9.00 -9.95
N CYS A 60 -20.47 -7.96 -9.11
CA CYS A 60 -19.55 -6.84 -9.17
C CYS A 60 -19.38 -6.34 -7.73
N ILE A 61 -18.49 -5.38 -7.57
CA ILE A 61 -18.30 -4.71 -6.30
C ILE A 61 -18.75 -3.29 -6.54
N ILE A 62 -19.59 -2.74 -5.64
CA ILE A 62 -20.04 -1.37 -5.72
C ILE A 62 -19.41 -0.59 -4.60
N LYS A 63 -18.60 0.41 -4.95
CA LYS A 63 -17.95 1.22 -3.95
C LYS A 63 -18.63 2.57 -3.96
N ILE A 64 -19.41 2.84 -2.92
CA ILE A 64 -20.16 4.10 -2.83
C ILE A 64 -19.31 5.09 -2.05
N LEU A 65 -18.95 6.19 -2.72
CA LEU A 65 -18.03 7.15 -2.13
C LEU A 65 -18.76 8.08 -1.15
N LYS A 66 -18.16 8.31 0.00
CA LYS A 66 -18.59 9.36 0.91
C LYS A 66 -18.21 10.72 0.34
N PRO A 67 -18.85 11.80 0.80
CA PRO A 67 -18.65 13.12 0.17
C PRO A 67 -17.20 13.51 0.05
N VAL A 68 -16.82 13.90 -1.16
CA VAL A 68 -15.42 14.10 -1.50
C VAL A 68 -15.38 15.19 -2.58
N LYS A 69 -14.29 15.94 -2.63
CA LYS A 69 -14.13 16.97 -3.65
C LYS A 69 -14.00 16.38 -5.05
N LYS A 70 -14.46 17.12 -6.05
CA LYS A 70 -14.45 16.71 -7.44
C LYS A 70 -13.02 16.34 -7.84
N LYS A 71 -12.05 17.15 -7.41
CA LYS A 71 -10.65 16.89 -7.74
C LYS A 71 -10.17 15.51 -7.29
N LYS A 72 -10.55 15.12 -6.09
CA LYS A 72 -10.11 13.84 -5.54
C LYS A 72 -10.75 12.63 -6.21
N ILE A 73 -12.02 12.73 -6.55
N ILE A 73 -12.02 12.74 -6.55
CA ILE A 73 -12.67 11.62 -7.25
CA ILE A 73 -12.69 11.67 -7.26
C ILE A 73 -12.15 11.48 -8.69
C ILE A 73 -12.06 11.49 -8.64
N LYS A 74 -11.79 12.61 -9.32
CA LYS A 74 -11.19 12.54 -10.63
C LYS A 74 -9.82 11.87 -10.55
N ARG A 75 -9.10 12.14 -9.48
CA ARG A 75 -7.77 11.58 -9.30
C ARG A 75 -7.84 10.04 -9.21
N GLU A 76 -8.74 9.54 -8.38
CA GLU A 76 -8.91 8.11 -8.22
C GLU A 76 -9.35 7.47 -9.53
N ILE A 77 -10.33 8.06 -10.20
CA ILE A 77 -10.79 7.53 -11.47
C ILE A 77 -9.67 7.46 -12.52
N LYS A 78 -8.94 8.58 -12.69
CA LYS A 78 -7.92 8.61 -13.71
C LYS A 78 -6.84 7.57 -13.41
N ILE A 79 -6.47 7.46 -12.15
CA ILE A 79 -5.45 6.46 -11.75
C ILE A 79 -5.95 5.04 -12.06
N LEU A 80 -7.20 4.74 -11.70
CA LEU A 80 -7.77 3.43 -11.98
C LEU A 80 -7.80 3.15 -13.47
N GLN A 81 -8.15 4.16 -14.27
CA GLN A 81 -8.19 3.97 -15.72
C GLN A 81 -6.79 3.75 -16.30
N ASN A 82 -5.81 4.50 -15.78
CA ASN A 82 -4.44 4.37 -16.22
C ASN A 82 -3.85 2.99 -15.89
N LEU A 83 -4.28 2.41 -14.78
CA LEU A 83 -3.71 1.14 -14.32
C LEU A 83 -4.51 -0.09 -14.76
N CYS A 84 -5.70 0.14 -15.31
CA CYS A 84 -6.60 -0.96 -15.59
C CYS A 84 -5.94 -1.96 -16.53
N GLY A 85 -5.99 -3.24 -16.18
CA GLY A 85 -5.32 -4.26 -16.95
C GLY A 85 -3.93 -4.67 -16.45
N GLY A 86 -3.33 -3.87 -15.57
CA GLY A 86 -2.03 -4.23 -15.02
C GLY A 86 -2.09 -5.39 -14.06
N PRO A 87 -0.95 -6.02 -13.79
CA PRO A 87 -0.96 -7.21 -12.94
C PRO A 87 -1.42 -6.90 -11.53
N ASN A 88 -2.42 -7.68 -11.11
CA ASN A 88 -2.92 -7.63 -9.74
C ASN A 88 -3.46 -6.26 -9.35
N ILE A 89 -3.87 -5.47 -10.32
CA ILE A 89 -4.52 -4.20 -10.01
C ILE A 89 -6.01 -4.44 -10.12
N VAL A 90 -6.78 -3.94 -9.12
CA VAL A 90 -8.22 -3.98 -9.18
C VAL A 90 -8.74 -3.31 -10.47
N LYS A 91 -9.70 -3.93 -11.13
CA LYS A 91 -10.22 -3.49 -12.42
C LYS A 91 -11.53 -2.65 -12.27
N LEU A 92 -11.47 -1.37 -12.64
CA LEU A 92 -12.66 -0.50 -12.65
C LEU A 92 -13.48 -0.75 -13.92
N LEU A 93 -14.76 -1.08 -13.74
CA LEU A 93 -15.61 -1.43 -14.87
C LEU A 93 -16.56 -0.31 -15.27
N ASP A 94 -17.01 0.51 -14.32
CA ASP A 94 -18.01 1.54 -14.61
C ASP A 94 -18.03 2.58 -13.48
N ILE A 95 -18.66 3.73 -13.73
CA ILE A 95 -18.72 4.82 -12.78
C ILE A 95 -20.15 5.36 -12.92
N VAL A 96 -20.91 5.45 -11.82
CA VAL A 96 -22.30 5.88 -11.90
C VAL A 96 -22.61 6.80 -10.72
N ARG A 97 -23.76 7.46 -10.76
CA ARG A 97 -24.21 8.19 -9.58
C ARG A 97 -25.71 8.30 -9.52
N ASP A 98 -26.24 8.50 -8.31
N ASP A 98 -26.18 8.56 -8.30
CA ASP A 98 -27.69 8.61 -8.16
CA ASP A 98 -27.59 8.75 -8.00
C ASP A 98 -28.14 10.02 -8.50
C ASP A 98 -28.08 10.07 -8.57
N GLN A 99 -29.30 10.10 -9.13
CA GLN A 99 -29.80 11.38 -9.65
C GLN A 99 -30.02 12.42 -8.54
N HIS A 100 -30.70 12.04 -7.46
CA HIS A 100 -31.10 13.04 -6.47
C HIS A 100 -29.91 13.64 -5.74
N SER A 101 -29.01 12.79 -5.26
CA SER A 101 -27.95 13.27 -4.38
C SER A 101 -26.61 13.39 -5.08
N LYS A 102 -26.51 12.83 -6.29
CA LYS A 102 -25.26 12.84 -7.05
C LYS A 102 -24.13 12.12 -6.32
N THR A 103 -24.48 11.16 -5.47
CA THR A 103 -23.45 10.35 -4.82
C THR A 103 -22.83 9.41 -5.84
N PRO A 104 -21.49 9.42 -6.01
CA PRO A 104 -20.88 8.54 -7.00
C PRO A 104 -20.55 7.15 -6.45
N SER A 105 -20.69 6.17 -7.34
CA SER A 105 -20.24 4.81 -7.06
C SER A 105 -19.32 4.36 -8.16
N LEU A 106 -18.28 3.65 -7.73
CA LEU A 106 -17.34 3.00 -8.64
C LEU A 106 -17.64 1.50 -8.68
N ILE A 107 -17.69 0.95 -9.89
CA ILE A 107 -18.08 -0.45 -10.05
C ILE A 107 -16.84 -1.22 -10.45
N PHE A 108 -16.51 -2.27 -9.70
CA PHE A 108 -15.31 -3.05 -9.92
C PHE A 108 -15.69 -4.46 -10.23
N GLU A 109 -14.74 -5.18 -10.81
CA GLU A 109 -14.82 -6.62 -10.85
C GLU A 109 -15.04 -7.15 -9.45
N TYR A 110 -15.72 -8.27 -9.36
CA TYR A 110 -15.81 -8.94 -8.07
C TYR A 110 -14.60 -9.88 -7.86
N VAL A 111 -14.21 -10.10 -6.60
CA VAL A 111 -13.39 -11.28 -6.21
C VAL A 111 -13.79 -11.83 -4.81
N ASN A 112 -13.84 -13.16 -4.67
CA ASN A 112 -14.08 -13.84 -3.37
C ASN A 112 -13.01 -13.60 -2.28
N ASN A 113 -12.99 -12.44 -1.64
CA ASN A 113 -12.00 -12.15 -0.61
C ASN A 113 -12.05 -12.96 0.69
N THR A 114 -10.87 -13.35 1.10
CA THR A 114 -10.61 -13.99 2.34
C THR A 114 -10.11 -12.94 3.38
N ASP A 115 -10.87 -12.69 4.43
CA ASP A 115 -10.56 -11.73 5.52
C ASP A 115 -9.08 -11.88 6.05
N PHE A 116 -8.23 -10.86 5.92
CA PHE A 116 -6.81 -11.05 6.27
C PHE A 116 -6.63 -11.47 7.75
N LYS A 117 -7.58 -11.07 8.60
CA LYS A 117 -7.42 -11.35 10.02
C LYS A 117 -7.52 -12.84 10.36
N VAL A 118 -8.24 -13.56 9.52
CA VAL A 118 -8.33 -15.01 9.66
C VAL A 118 -7.34 -15.68 8.73
N LEU A 119 -7.03 -15.04 7.58
CA LEU A 119 -6.11 -15.66 6.65
C LEU A 119 -4.69 -15.69 7.14
N TYR A 120 -4.21 -14.55 7.60
CA TYR A 120 -2.76 -14.44 7.87
C TYR A 120 -2.26 -15.44 8.90
N PRO A 121 -3.04 -15.76 9.94
CA PRO A 121 -2.55 -16.78 10.88
C PRO A 121 -2.31 -18.14 10.24
N THR A 122 -2.97 -18.40 9.10
CA THR A 122 -2.86 -19.71 8.49
C THR A 122 -1.80 -19.76 7.37
N LEU A 123 -1.26 -18.61 6.97
CA LEU A 123 -0.29 -18.63 5.84
C LEU A 123 0.95 -19.41 6.20
N THR A 124 1.38 -20.26 5.29
CA THR A 124 2.69 -20.93 5.46
C THR A 124 3.81 -20.01 5.01
N ASP A 125 5.01 -20.49 5.25
N ASP A 125 5.05 -20.47 5.24
CA ASP A 125 6.18 -19.77 4.78
CA ASP A 125 6.22 -19.72 4.75
C ASP A 125 6.08 -19.49 3.27
C ASP A 125 6.09 -19.47 3.25
N TYR A 126 5.80 -20.51 2.48
CA TYR A 126 5.73 -20.34 1.04
C TYR A 126 4.63 -19.35 0.67
N ASP A 127 3.48 -19.45 1.34
CA ASP A 127 2.38 -18.53 1.06
C ASP A 127 2.77 -17.08 1.24
N ILE A 128 3.51 -16.79 2.31
CA ILE A 128 3.95 -15.42 2.54
C ILE A 128 4.83 -14.96 1.36
N ARG A 129 5.76 -15.81 0.94
CA ARG A 129 6.65 -15.44 -0.15
C ARG A 129 5.83 -15.20 -1.44
N TYR A 130 4.89 -16.09 -1.68
CA TYR A 130 4.05 -16.01 -2.88
C TYR A 130 3.21 -14.74 -2.91
N TYR A 131 2.49 -14.46 -1.82
CA TYR A 131 1.59 -13.31 -1.84
C TYR A 131 2.34 -12.00 -1.83
N ILE A 132 3.45 -11.94 -1.09
CA ILE A 132 4.26 -10.70 -1.14
C ILE A 132 4.82 -10.46 -2.55
N TYR A 133 5.22 -11.55 -3.21
CA TYR A 133 5.68 -11.40 -4.60
C TYR A 133 4.55 -10.88 -5.47
N GLU A 134 3.34 -11.39 -5.32
CA GLU A 134 2.24 -10.92 -6.12
C GLU A 134 1.91 -9.45 -5.83
N LEU A 135 2.05 -9.03 -4.57
CA LEU A 135 1.81 -7.62 -4.23
C LEU A 135 2.90 -6.72 -4.84
N LEU A 136 4.15 -7.22 -4.82
CA LEU A 136 5.25 -6.48 -5.46
C LEU A 136 5.00 -6.28 -6.94
N LYS A 137 4.39 -7.25 -7.62
CA LYS A 137 4.09 -7.09 -9.05
C LYS A 137 3.18 -5.89 -9.26
N ALA A 138 2.18 -5.73 -8.40
CA ALA A 138 1.27 -4.60 -8.52
C ALA A 138 2.00 -3.30 -8.24
N LEU A 139 2.89 -3.27 -7.25
CA LEU A 139 3.59 -2.04 -6.90
C LEU A 139 4.62 -1.66 -7.99
N ASP A 140 5.39 -2.62 -8.47
CA ASP A 140 6.32 -2.26 -9.54
C ASP A 140 5.53 -1.78 -10.73
N TYR A 141 4.36 -2.37 -10.98
CA TYR A 141 3.57 -1.91 -12.12
C TYR A 141 3.11 -0.47 -11.90
N CYS A 142 2.45 -0.17 -10.77
CA CYS A 142 1.95 1.18 -10.64
C CYS A 142 3.09 2.21 -10.62
N HIS A 143 4.18 1.87 -9.95
CA HIS A 143 5.34 2.78 -9.95
C HIS A 143 5.83 3.00 -11.38
N SER A 144 5.88 1.95 -12.19
CA SER A 144 6.36 2.10 -13.58
C SER A 144 5.41 2.95 -14.42
N GLN A 145 4.17 3.10 -13.96
CA GLN A 145 3.16 3.92 -14.61
C GLN A 145 3.10 5.30 -13.95
N GLY A 146 4.09 5.62 -13.12
CA GLY A 146 4.18 6.96 -12.57
C GLY A 146 3.25 7.25 -11.38
N ILE A 147 2.84 6.19 -10.67
CA ILE A 147 1.84 6.33 -9.61
C ILE A 147 2.37 5.69 -8.34
N MET A 148 2.15 6.40 -7.22
CA MET A 148 2.41 5.94 -5.90
C MET A 148 1.05 5.59 -5.24
N HIS A 149 0.96 4.42 -4.61
CA HIS A 149 -0.33 4.01 -4.03
C HIS A 149 -0.61 4.79 -2.74
N ARG A 150 0.34 4.88 -1.83
CA ARG A 150 0.31 5.69 -0.62
C ARG A 150 -0.70 5.17 0.42
N ASP A 151 -1.20 3.93 0.28
CA ASP A 151 -2.04 3.38 1.34
C ASP A 151 -1.93 1.87 1.34
N VAL A 152 -0.72 1.35 1.20
CA VAL A 152 -0.53 -0.09 1.28
C VAL A 152 -0.73 -0.55 2.73
N LYS A 153 -1.59 -1.57 2.92
CA LYS A 153 -1.88 -2.16 4.22
C LYS A 153 -2.70 -3.40 3.93
N PRO A 154 -2.84 -4.32 4.91
CA PRO A 154 -3.53 -5.59 4.65
C PRO A 154 -4.97 -5.38 4.18
N HIS A 155 -5.65 -4.34 4.70
CA HIS A 155 -7.02 -4.10 4.28
C HIS A 155 -7.14 -3.73 2.83
N ASN A 156 -6.05 -3.26 2.21
CA ASN A 156 -6.10 -2.91 0.80
C ASN A 156 -5.49 -3.97 -0.10
N VAL A 157 -5.28 -5.16 0.43
CA VAL A 157 -4.72 -6.24 -0.36
C VAL A 157 -5.78 -7.34 -0.28
N MET A 158 -6.49 -7.53 -1.36
CA MET A 158 -7.52 -8.58 -1.36
C MET A 158 -6.94 -9.86 -1.84
N ILE A 159 -7.18 -10.94 -1.09
N ILE A 159 -7.17 -10.94 -1.08
CA ILE A 159 -6.65 -12.25 -1.47
CA ILE A 159 -6.69 -12.26 -1.45
C ILE A 159 -7.82 -13.24 -1.51
C ILE A 159 -7.84 -13.25 -1.51
N ASP A 160 -7.97 -13.92 -2.65
CA ASP A 160 -8.87 -15.09 -2.75
C ASP A 160 -7.93 -16.27 -2.57
N HIS A 161 -7.92 -16.85 -1.37
CA HIS A 161 -6.91 -17.83 -1.05
C HIS A 161 -7.12 -19.14 -1.77
N GLU A 162 -8.37 -19.50 -2.01
CA GLU A 162 -8.62 -20.71 -2.82
C GLU A 162 -7.96 -20.63 -4.22
N LEU A 163 -8.12 -19.48 -4.89
CA LEU A 163 -7.56 -19.32 -6.22
C LEU A 163 -6.15 -18.76 -6.23
N ARG A 164 -5.62 -18.43 -5.05
CA ARG A 164 -4.31 -17.81 -4.88
C ARG A 164 -4.18 -16.56 -5.73
N LYS A 165 -5.20 -15.70 -5.65
N LYS A 165 -5.23 -15.75 -5.70
CA LYS A 165 -5.34 -14.50 -6.47
CA LYS A 165 -5.26 -14.50 -6.44
C LYS A 165 -5.34 -13.25 -5.58
C LYS A 165 -5.15 -13.34 -5.45
N LEU A 166 -4.46 -12.30 -5.89
CA LEU A 166 -4.28 -11.11 -5.07
C LEU A 166 -4.59 -9.87 -5.90
N ARG A 167 -5.22 -8.88 -5.29
CA ARG A 167 -5.44 -7.58 -5.94
C ARG A 167 -5.11 -6.46 -4.99
N LEU A 168 -4.41 -5.43 -5.48
CA LEU A 168 -4.18 -4.22 -4.70
C LEU A 168 -5.33 -3.24 -5.01
N ILE A 169 -6.03 -2.81 -3.97
CA ILE A 169 -7.25 -2.02 -4.10
C ILE A 169 -7.09 -0.67 -3.43
N ASP A 170 -8.15 0.13 -3.58
CA ASP A 170 -8.33 1.45 -3.01
C ASP A 170 -7.24 2.46 -3.34
N TRP A 171 -7.38 3.02 -4.54
CA TRP A 171 -6.46 4.00 -5.09
C TRP A 171 -6.90 5.41 -4.75
N GLY A 172 -7.79 5.56 -3.76
CA GLY A 172 -8.25 6.88 -3.39
C GLY A 172 -7.22 7.81 -2.78
N LEU A 173 -6.12 7.25 -2.27
CA LEU A 173 -5.05 8.08 -1.75
C LEU A 173 -3.85 8.13 -2.68
N ALA A 174 -3.93 7.46 -3.82
CA ALA A 174 -2.79 7.38 -4.74
C ALA A 174 -2.55 8.75 -5.42
N GLU A 175 -1.33 8.94 -5.88
CA GLU A 175 -0.95 10.18 -6.60
C GLU A 175 0.02 9.88 -7.74
N PHE A 176 0.06 10.80 -8.68
CA PHE A 176 1.09 10.78 -9.72
C PHE A 176 2.37 11.34 -9.17
N TYR A 177 3.48 10.65 -9.49
CA TYR A 177 4.79 11.15 -9.07
C TYR A 177 5.38 12.16 -10.06
N HIS A 178 5.80 13.32 -9.57
CA HIS A 178 6.42 14.35 -10.41
C HIS A 178 7.67 14.76 -9.63
N PRO A 179 8.85 14.74 -10.30
CA PRO A 179 10.10 15.03 -9.59
C PRO A 179 10.07 16.39 -8.92
N GLY A 180 10.43 16.41 -7.63
CA GLY A 180 10.51 17.61 -6.84
C GLY A 180 9.18 18.05 -6.22
N LYS A 181 8.07 17.40 -6.53
CA LYS A 181 6.78 17.86 -6.02
C LYS A 181 6.69 17.60 -4.54
N GLU A 182 6.15 18.56 -3.81
CA GLU A 182 5.89 18.36 -2.41
C GLU A 182 4.47 17.84 -2.24
N TYR A 183 4.36 16.67 -1.62
CA TYR A 183 3.08 16.04 -1.41
C TYR A 183 2.57 16.21 0.01
N ASN A 184 1.29 15.98 0.20
CA ASN A 184 0.70 15.94 1.53
C ASN A 184 1.22 14.70 2.29
N VAL A 185 1.67 14.86 3.54
CA VAL A 185 2.13 13.71 4.32
C VAL A 185 0.99 12.98 5.02
N ARG A 186 -0.24 13.52 4.94
CA ARG A 186 -1.41 12.87 5.57
C ARG A 186 -1.97 11.82 4.66
N VAL A 187 -1.17 10.76 4.47
CA VAL A 187 -1.56 9.62 3.66
C VAL A 187 -1.20 8.36 4.42
N ALA A 188 -1.63 7.21 3.92
CA ALA A 188 -1.40 5.91 4.55
C ALA A 188 -2.07 5.72 5.93
N SER A 189 -2.26 4.50 6.32
CA SER A 189 -2.70 4.23 7.69
C SER A 189 -1.52 4.43 8.61
N ARG A 190 -1.79 4.94 9.81
N ARG A 190 -1.79 4.87 9.83
CA ARG A 190 -0.73 5.23 10.78
CA ARG A 190 -0.73 5.25 10.78
C ARG A 190 0.34 4.13 10.79
C ARG A 190 0.34 4.16 10.98
N TYR A 191 -0.06 2.88 10.96
CA TYR A 191 0.89 1.79 11.23
C TYR A 191 1.80 1.54 10.07
N PHE A 192 1.43 2.07 8.91
CA PHE A 192 2.15 1.85 7.64
C PHE A 192 2.78 3.11 7.10
N LYS A 193 2.75 4.20 7.88
CA LYS A 193 3.36 5.45 7.43
C LYS A 193 4.88 5.33 7.50
N GLY A 194 5.58 5.74 6.43
CA GLY A 194 7.03 5.76 6.49
C GLY A 194 7.55 6.93 7.32
N PRO A 195 8.79 6.83 7.79
CA PRO A 195 9.45 7.91 8.52
C PRO A 195 9.33 9.26 7.78
N GLU A 196 9.40 9.25 6.45
CA GLU A 196 9.27 10.51 5.70
C GLU A 196 7.95 11.23 6.05
N LEU A 197 6.87 10.49 6.20
CA LEU A 197 5.60 11.13 6.54
C LEU A 197 5.63 11.65 7.95
N LEU A 198 6.28 10.93 8.84
CA LEU A 198 6.28 11.20 10.25
C LEU A 198 7.21 12.37 10.62
N VAL A 199 8.14 12.71 9.74
CA VAL A 199 9.06 13.84 9.97
C VAL A 199 8.83 15.02 9.01
N ASP A 200 7.72 14.96 8.28
CA ASP A 200 7.34 16.01 7.33
C ASP A 200 8.28 16.21 6.15
N LEU A 201 8.85 15.11 5.65
CA LEU A 201 9.62 15.13 4.41
C LEU A 201 8.62 14.97 3.27
N GLN A 202 8.31 16.08 2.59
CA GLN A 202 7.20 16.08 1.62
C GLN A 202 7.54 15.66 0.19
N ASP A 203 8.83 15.76 -0.20
CA ASP A 203 9.22 15.35 -1.55
C ASP A 203 9.58 13.88 -1.56
N TYR A 204 8.61 13.06 -1.13
CA TYR A 204 8.78 11.63 -1.11
C TYR A 204 8.38 11.00 -2.45
N ASP A 205 8.48 9.68 -2.56
CA ASP A 205 8.28 9.06 -3.86
C ASP A 205 7.76 7.63 -3.70
N TYR A 206 7.81 6.84 -4.75
CA TYR A 206 7.34 5.44 -4.74
C TYR A 206 7.86 4.64 -3.57
N SER A 207 9.06 4.99 -3.08
CA SER A 207 9.69 4.25 -2.00
C SER A 207 8.86 4.28 -0.71
N LEU A 208 7.93 5.22 -0.60
CA LEU A 208 7.02 5.22 0.56
C LEU A 208 6.29 3.85 0.61
N ASP A 209 5.84 3.37 -0.54
CA ASP A 209 5.07 2.13 -0.61
C ASP A 209 5.89 0.96 -0.15
N MET A 210 7.22 1.07 -0.33
CA MET A 210 8.10 -0.03 0.05
C MET A 210 8.31 -0.10 1.57
N TRP A 211 8.24 1.04 2.27
CA TRP A 211 8.19 1.00 3.73
C TRP A 211 6.90 0.29 4.18
N SER A 212 5.76 0.71 3.60
CA SER A 212 4.48 0.10 3.97
C SER A 212 4.49 -1.38 3.73
N LEU A 213 5.01 -1.83 2.60
N LEU A 213 5.03 -1.80 2.61
CA LEU A 213 5.13 -3.25 2.34
CA LEU A 213 5.17 -3.20 2.31
C LEU A 213 6.02 -3.90 3.39
C LEU A 213 6.05 -3.92 3.33
N GLY A 214 7.16 -3.31 3.70
CA GLY A 214 8.02 -3.88 4.73
C GLY A 214 7.30 -4.05 6.07
N CYS A 215 6.43 -3.09 6.41
CA CYS A 215 5.65 -3.22 7.66
C CYS A 215 4.72 -4.43 7.56
N MET A 216 4.04 -4.61 6.44
N MET A 216 4.08 -4.58 6.42
CA MET A 216 3.18 -5.80 6.28
CA MET A 216 3.21 -5.72 6.19
C MET A 216 4.01 -7.07 6.38
C MET A 216 3.95 -7.06 6.25
N PHE A 217 5.16 -7.10 5.67
CA PHE A 217 6.00 -8.29 5.69
C PHE A 217 6.51 -8.60 7.09
N ALA A 218 6.95 -7.60 7.84
CA ALA A 218 7.39 -7.82 9.23
C ALA A 218 6.24 -8.40 10.06
N GLY A 219 5.04 -7.83 9.88
CA GLY A 219 3.87 -8.33 10.60
C GLY A 219 3.61 -9.78 10.27
N MET A 220 3.76 -10.20 9.02
CA MET A 220 3.50 -11.58 8.63
C MET A 220 4.54 -12.54 9.20
N ILE A 221 5.83 -12.25 9.02
CA ILE A 221 6.84 -13.22 9.46
C ILE A 221 6.99 -13.26 10.97
N PHE A 222 6.71 -12.13 11.64
CA PHE A 222 6.84 -12.13 13.08
C PHE A 222 5.50 -12.41 13.77
N ARG A 223 4.40 -12.55 13.04
N ARG A 223 4.43 -12.55 13.00
CA ARG A 223 3.10 -12.79 13.68
CA ARG A 223 3.07 -12.78 13.53
C ARG A 223 2.77 -11.70 14.71
C ARG A 223 2.65 -11.68 14.50
N LYS A 224 2.83 -10.46 14.25
N LYS A 224 2.87 -10.45 14.06
CA LYS A 224 2.45 -9.33 15.07
CA LYS A 224 2.59 -9.28 14.88
C LYS A 224 1.88 -8.26 14.20
C LYS A 224 1.83 -8.32 14.01
N GLU A 225 0.56 -8.08 14.28
CA GLU A 225 -0.17 -7.23 13.36
C GLU A 225 -0.88 -6.15 14.18
N PRO A 226 -0.55 -4.89 13.96
CA PRO A 226 0.50 -4.43 13.04
C PRO A 226 1.83 -4.48 13.76
N PHE A 227 2.91 -4.46 13.00
CA PHE A 227 4.24 -4.57 13.59
C PHE A 227 4.64 -3.35 14.43
N PHE A 228 4.41 -2.16 13.87
CA PHE A 228 4.71 -0.91 14.59
C PHE A 228 3.36 -0.31 14.99
N TYR A 229 3.02 -0.40 16.27
CA TYR A 229 1.68 -0.06 16.75
C TYR A 229 1.71 1.21 17.60
N GLY A 230 1.79 2.35 16.92
CA GLY A 230 1.77 3.63 17.62
C GLY A 230 0.34 4.11 17.80
N HIS A 231 0.10 4.83 18.89
CA HIS A 231 -1.25 5.33 19.16
C HIS A 231 -1.58 6.64 18.43
N ASP A 232 -0.58 7.45 18.14
CA ASP A 232 -0.73 8.66 17.33
C ASP A 232 0.54 8.80 16.47
N ASN A 233 0.65 9.83 15.65
CA ASN A 233 1.77 9.92 14.71
C ASN A 233 3.11 10.10 15.39
N HIS A 234 3.16 10.79 16.52
CA HIS A 234 4.40 10.96 17.24
C HIS A 234 4.83 9.61 17.81
N ASP A 235 3.89 8.92 18.42
CA ASP A 235 4.15 7.60 19.00
C ASP A 235 4.58 6.60 17.91
N GLN A 236 4.00 6.74 16.71
CA GLN A 236 4.41 5.87 15.60
C GLN A 236 5.92 5.98 15.32
N LEU A 237 6.46 7.19 15.32
CA LEU A 237 7.90 7.38 15.10
C LEU A 237 8.68 6.81 16.28
N VAL A 238 8.16 6.99 17.49
CA VAL A 238 8.82 6.42 18.66
C VAL A 238 8.93 4.91 18.54
N LYS A 239 7.83 4.25 18.15
CA LYS A 239 7.82 2.79 17.99
C LYS A 239 8.86 2.32 16.97
N ILE A 240 8.98 3.05 15.86
CA ILE A 240 9.95 2.72 14.85
C ILE A 240 11.37 2.92 15.43
N ALA A 241 11.62 4.03 16.10
CA ALA A 241 12.93 4.36 16.60
C ALA A 241 13.40 3.37 17.64
N LYS A 242 12.49 2.83 18.41
CA LYS A 242 12.83 1.78 19.38
C LYS A 242 13.27 0.46 18.75
N VAL A 243 13.02 0.30 17.45
CA VAL A 243 13.47 -0.89 16.74
C VAL A 243 14.71 -0.60 15.90
N LEU A 244 14.62 0.40 15.02
N LEU A 244 14.60 0.41 15.03
CA LEU A 244 15.77 0.67 14.14
CA LEU A 244 15.69 0.74 14.10
C LEU A 244 16.90 1.35 14.90
C LEU A 244 16.82 1.51 14.79
N GLY A 245 16.55 2.06 15.97
CA GLY A 245 17.54 2.81 16.73
C GLY A 245 17.59 4.27 16.35
N THR A 246 18.05 5.13 17.25
CA THR A 246 18.07 6.56 16.95
C THR A 246 19.30 7.05 16.20
N ASP A 247 20.39 6.27 16.20
CA ASP A 247 21.58 6.67 15.44
C ASP A 247 21.24 6.79 13.96
N GLY A 248 20.50 5.81 13.45
CA GLY A 248 20.14 5.82 12.05
C GLY A 248 19.16 6.94 11.74
N LEU A 249 18.32 7.26 12.72
CA LEU A 249 17.37 8.35 12.54
C LEU A 249 18.09 9.69 12.41
N ASN A 250 19.07 9.88 13.27
CA ASN A 250 19.85 11.10 13.27
C ASN A 250 20.63 11.27 11.96
N VAL A 251 21.18 10.17 11.45
CA VAL A 251 21.91 10.22 10.19
C VAL A 251 20.94 10.67 9.09
N TYR A 252 19.74 10.09 9.09
CA TYR A 252 18.71 10.38 8.09
C TYR A 252 18.26 11.84 8.16
N LEU A 253 17.97 12.32 9.37
CA LEU A 253 17.53 13.69 9.55
C LEU A 253 18.60 14.67 9.08
N ASN A 254 19.86 14.38 9.39
CA ASN A 254 20.94 15.27 8.99
C ASN A 254 21.12 15.29 7.46
N LYS A 255 20.97 14.13 6.84
CA LYS A 255 21.15 14.02 5.40
C LYS A 255 20.15 14.86 4.63
N TYR A 256 18.90 14.88 5.10
CA TYR A 256 17.82 15.58 4.40
C TYR A 256 17.53 16.94 5.02
N ARG A 257 18.36 17.32 5.99
CA ARG A 257 18.28 18.65 6.62
C ARG A 257 16.90 18.86 7.24
N ILE A 258 16.47 17.90 8.03
CA ILE A 258 15.18 17.96 8.72
C ILE A 258 15.40 18.14 10.22
N GLU A 259 14.70 19.10 10.82
CA GLU A 259 14.69 19.20 12.28
C GLU A 259 13.37 18.69 12.77
N LEU A 260 13.41 17.81 13.77
CA LEU A 260 12.18 17.33 14.40
C LEU A 260 11.57 18.43 15.25
N ASP A 261 10.24 18.46 15.32
CA ASP A 261 9.57 19.28 16.31
C ASP A 261 10.17 18.90 17.66
N PRO A 262 10.53 19.90 18.48
CA PRO A 262 11.21 19.67 19.77
C PRO A 262 10.46 18.66 20.64
N GLN A 263 9.14 18.74 20.59
CA GLN A 263 8.27 17.82 21.31
C GLN A 263 8.49 16.39 20.84
N LEU A 264 8.46 16.21 19.52
CA LEU A 264 8.70 14.90 18.92
C LEU A 264 10.11 14.44 19.25
N GLU A 265 11.08 15.35 19.15
CA GLU A 265 12.46 14.99 19.47
C GLU A 265 12.54 14.45 20.90
N ALA A 266 11.79 15.07 21.80
CA ALA A 266 11.79 14.67 23.20
C ALA A 266 11.18 13.28 23.39
N LEU A 267 10.08 13.02 22.71
CA LEU A 267 9.41 11.71 22.79
C LEU A 267 10.27 10.56 22.23
N VAL A 268 11.04 10.85 21.21
CA VAL A 268 11.85 9.81 20.56
C VAL A 268 13.02 9.37 21.47
N GLY A 269 13.64 10.31 22.16
CA GLY A 269 14.73 9.97 23.06
C GLY A 269 15.91 9.35 22.35
N ARG A 270 16.55 8.39 23.01
CA ARG A 270 17.72 7.68 22.46
C ARG A 270 17.52 6.17 22.62
N HIS A 271 17.74 5.42 21.54
CA HIS A 271 17.56 3.98 21.56
C HIS A 271 18.57 3.25 20.68
N SER A 272 19.08 2.13 21.19
N SER A 272 19.06 2.12 21.18
CA SER A 272 19.92 1.26 20.39
CA SER A 272 19.90 1.24 20.38
C SER A 272 19.06 0.45 19.42
C SER A 272 19.03 0.51 19.36
N ARG A 273 19.65 0.06 18.29
CA ARG A 273 18.98 -0.80 17.33
C ARG A 273 18.70 -2.18 17.94
N LYS A 274 17.51 -2.69 17.71
N LYS A 274 17.51 -2.70 17.70
CA LYS A 274 17.16 -4.05 18.11
CA LYS A 274 17.13 -4.04 18.13
C LYS A 274 17.26 -4.97 16.90
C LYS A 274 17.20 -5.01 16.94
N PRO A 275 18.18 -5.94 16.96
CA PRO A 275 18.35 -6.88 15.85
C PRO A 275 17.06 -7.61 15.52
N TRP A 276 16.79 -7.83 14.24
CA TRP A 276 15.54 -8.49 13.84
C TRP A 276 15.30 -9.85 14.48
N LEU A 277 16.37 -10.59 14.76
CA LEU A 277 16.23 -11.88 15.42
C LEU A 277 15.64 -11.80 16.80
N LYS A 278 15.74 -10.64 17.46
CA LYS A 278 15.12 -10.49 18.78
C LYS A 278 13.60 -10.63 18.75
N PHE A 279 13.00 -10.51 17.57
CA PHE A 279 11.55 -10.70 17.43
C PHE A 279 11.12 -12.13 17.20
N MET A 280 12.08 -13.06 17.00
CA MET A 280 11.71 -14.44 16.77
C MET A 280 11.19 -15.08 18.05
N ASN A 281 10.16 -15.93 17.94
CA ASN A 281 9.63 -16.67 19.09
C ASN A 281 9.02 -17.98 18.61
N ALA A 282 8.46 -18.76 19.53
CA ALA A 282 7.84 -20.05 19.18
C ALA A 282 6.71 -19.98 18.16
N ASP A 283 5.94 -18.88 18.15
CA ASP A 283 4.78 -18.80 17.29
C ASP A 283 5.15 -18.46 15.84
N ASN A 284 6.33 -17.87 15.62
CA ASN A 284 6.67 -17.37 14.31
C ASN A 284 7.91 -18.04 13.76
N GLN A 285 8.46 -18.99 14.50
CA GLN A 285 9.80 -19.46 14.16
C GLN A 285 9.86 -20.13 12.77
N HIS A 286 8.80 -20.89 12.40
CA HIS A 286 8.74 -21.54 11.06
C HIS A 286 8.70 -20.54 9.87
N LEU A 287 8.46 -19.25 10.13
CA LEU A 287 8.40 -18.25 9.05
C LEU A 287 9.65 -17.36 8.97
N VAL A 288 10.41 -17.37 10.02
CA VAL A 288 11.56 -16.46 10.10
C VAL A 288 12.89 -17.12 9.63
N SER A 289 13.26 -16.90 8.39
CA SER A 289 14.50 -17.44 7.82
C SER A 289 15.57 -16.33 7.60
N PRO A 290 16.84 -16.69 7.40
CA PRO A 290 17.84 -15.67 7.06
C PRO A 290 17.50 -14.85 5.80
N GLU A 291 16.89 -15.48 4.78
CA GLU A 291 16.52 -14.70 3.60
C GLU A 291 15.41 -13.75 3.95
N ALA A 292 14.48 -14.15 4.81
CA ALA A 292 13.39 -13.25 5.19
C ALA A 292 13.92 -12.03 5.92
N ILE A 293 14.84 -12.25 6.84
N ILE A 293 14.84 -12.22 6.84
CA ILE A 293 15.43 -11.16 7.61
CA ILE A 293 15.37 -11.08 7.58
C ILE A 293 16.26 -10.22 6.72
C ILE A 293 16.23 -10.18 6.67
N ASP A 294 17.01 -10.79 5.77
CA ASP A 294 17.80 -9.98 4.87
C ASP A 294 16.90 -9.09 4.01
N PHE A 295 15.83 -9.66 3.49
CA PHE A 295 14.89 -8.93 2.68
C PHE A 295 14.24 -7.79 3.49
N LEU A 296 13.71 -8.15 4.67
CA LEU A 296 13.06 -7.18 5.55
C LEU A 296 14.00 -6.00 5.86
N ASP A 297 15.26 -6.32 6.16
CA ASP A 297 16.21 -5.31 6.58
C ASP A 297 16.46 -4.30 5.47
N LYS A 298 16.26 -4.74 4.23
CA LYS A 298 16.45 -3.89 3.05
C LYS A 298 15.23 -3.06 2.67
N LEU A 299 14.09 -3.31 3.33
CA LEU A 299 12.89 -2.51 3.17
C LEU A 299 12.74 -1.48 4.28
N LEU A 300 12.92 -1.92 5.52
CA LEU A 300 12.66 -1.06 6.66
C LEU A 300 13.91 -0.23 6.98
N ARG A 301 14.13 0.78 6.15
CA ARG A 301 15.24 1.72 6.32
C ARG A 301 14.62 3.12 6.47
N TYR A 302 15.14 3.92 7.39
CA TYR A 302 14.71 5.30 7.51
C TYR A 302 14.80 6.01 6.19
N ASP A 303 15.98 5.90 5.57
CA ASP A 303 16.24 6.61 4.34
C ASP A 303 15.53 5.95 3.17
N HIS A 304 14.48 6.63 2.69
CA HIS A 304 13.67 6.11 1.62
C HIS A 304 14.50 5.79 0.39
N GLN A 305 15.59 6.55 0.17
CA GLN A 305 16.45 6.30 -0.98
C GLN A 305 17.26 5.01 -0.88
N GLU A 306 17.38 4.45 0.32
CA GLU A 306 18.14 3.23 0.49
C GLU A 306 17.30 1.97 0.33
N ARG A 307 15.97 2.12 0.42
CA ARG A 307 15.09 0.93 0.36
C ARG A 307 15.16 0.26 -0.98
N LEU A 308 14.96 -1.04 -1.01
CA LEU A 308 14.74 -1.71 -2.29
C LEU A 308 13.61 -1.07 -3.08
N THR A 309 13.77 -0.94 -4.39
CA THR A 309 12.63 -0.66 -5.27
C THR A 309 11.78 -1.94 -5.37
N ALA A 310 10.55 -1.80 -5.88
CA ALA A 310 9.71 -3.00 -6.02
C ALA A 310 10.35 -4.01 -6.94
N LEU A 311 10.97 -3.52 -8.04
CA LEU A 311 11.60 -4.43 -8.99
C LEU A 311 12.77 -5.16 -8.36
N GLU A 312 13.60 -4.42 -7.60
CA GLU A 312 14.71 -5.09 -6.88
C GLU A 312 14.20 -6.11 -5.88
N ALA A 313 13.15 -5.74 -5.14
CA ALA A 313 12.56 -6.66 -4.15
C ALA A 313 12.14 -7.95 -4.80
N MET A 314 11.47 -7.86 -5.95
CA MET A 314 11.03 -9.07 -6.68
C MET A 314 12.16 -10.03 -7.02
N THR A 315 13.39 -9.52 -7.22
CA THR A 315 14.52 -10.38 -7.59
C THR A 315 15.28 -10.87 -6.37
N HIS A 316 14.89 -10.48 -5.14
CA HIS A 316 15.63 -10.94 -3.99
C HIS A 316 15.54 -12.48 -3.89
N PRO A 317 16.63 -13.15 -3.51
CA PRO A 317 16.57 -14.61 -3.44
C PRO A 317 15.50 -15.17 -2.49
N TYR A 318 14.99 -14.38 -1.56
CA TYR A 318 13.86 -14.84 -0.76
C TYR A 318 12.76 -15.41 -1.67
N PHE A 319 12.56 -14.81 -2.84
CA PHE A 319 11.48 -15.21 -3.73
C PHE A 319 11.89 -16.19 -4.81
N GLN A 320 13.09 -16.80 -4.70
CA GLN A 320 13.62 -17.62 -5.80
C GLN A 320 12.70 -18.73 -6.20
N GLN A 321 12.01 -19.37 -5.23
CA GLN A 321 11.17 -20.51 -5.59
C GLN A 321 9.89 -19.99 -6.25
N VAL A 322 9.39 -18.84 -5.80
CA VAL A 322 8.21 -18.28 -6.41
C VAL A 322 8.49 -17.93 -7.89
N ARG A 323 9.67 -17.36 -8.18
CA ARG A 323 10.06 -17.06 -9.56
C ARG A 323 10.25 -18.32 -10.38
N ALA A 324 10.82 -19.35 -9.76
CA ALA A 324 11.09 -20.57 -10.51
C ALA A 324 9.79 -21.23 -10.88
N ALA A 325 8.81 -21.17 -9.97
CA ALA A 325 7.51 -21.78 -10.23
C ALA A 325 6.78 -21.07 -11.36
N GLU A 326 6.93 -19.75 -11.41
CA GLU A 326 6.28 -18.95 -12.41
C GLU A 326 6.97 -19.19 -13.74
N ASN A 327 8.31 -19.25 -13.73
CA ASN A 327 9.10 -19.42 -14.96
C ASN A 327 8.92 -20.78 -15.60
N SER A 328 7.96 -21.55 -15.08
CA SER A 328 7.55 -22.80 -15.69
C SER A 328 6.04 -22.92 -15.58
C1 GOL B . -3.50 10.56 6.76
O1 GOL B . -2.95 10.82 8.04
C2 GOL B . -4.81 9.81 6.87
O2 GOL B . -5.75 10.62 7.57
C3 GOL B . -5.37 9.56 5.47
O3 GOL B . -6.69 9.03 5.59
C1 GOL C . 7.90 -2.73 -15.37
O1 GOL C . 8.90 -3.44 -14.64
C2 GOL C . 6.43 -3.01 -14.99
O2 GOL C . 5.58 -2.24 -15.85
C3 GOL C . 6.06 -4.48 -15.24
O3 GOL C . 4.71 -4.75 -14.77
C ACT D . -4.20 13.46 -0.50
O ACT D . -3.39 13.81 -1.40
OXT ACT D . -5.26 12.83 -0.80
CH3 ACT D . -3.92 13.72 0.95
C ACT E . 15.33 -19.02 3.31
O ACT E . 15.59 -19.99 2.58
OXT ACT E . 14.23 -18.43 3.27
CH3 ACT E . 16.38 -18.53 4.27
C1 GOL F . -2.21 -24.27 3.98
O1 GOL F . -1.75 -24.96 5.14
C2 GOL F . -2.34 -22.74 4.10
O2 GOL F . -2.03 -22.32 2.78
C3 GOL F . -3.73 -22.21 4.54
O3 GOL F . -4.69 -22.76 3.65
O01 E91 G . -10.61 -0.03 -5.08
C02 E91 G . -11.40 -0.09 -4.13
O03 E91 G . -11.54 0.78 -3.23
C04 E91 G . -12.04 -1.39 -3.96
C05 E91 G . -11.94 -2.33 -4.96
C06 E91 G . -12.48 -3.61 -4.81
C07 E91 G . -13.05 -3.95 -3.63
C08 E91 G . -13.59 -5.26 -3.42
N09 E91 G . -13.99 -5.67 -2.24
N10 E91 G . -14.42 -6.76 -1.85
C11 E91 G . -14.70 -7.37 -0.77
C12 E91 G . -15.20 -8.71 -0.49
C13 E91 G . -15.64 -9.64 -1.41
C14 E91 G . -16.09 -10.88 -0.92
C15 E91 G . -16.10 -11.11 0.45
C16 E91 G . -15.64 -10.15 1.36
C17 E91 G . -15.20 -8.92 0.89
C18 E91 G . -14.67 -7.71 1.57
C19 E91 G . -14.44 -7.36 2.91
C20 E91 G . -13.90 -6.08 3.21
C21 E91 G . -13.62 -5.17 2.21
C22 E91 G . -13.85 -5.52 0.86
C23 E91 G . -14.37 -6.77 0.56
C24 E91 G . -13.15 -3.01 -2.58
C25 E91 G . -12.66 -1.75 -2.75
#